data_4X7O
#
_entry.id   4X7O
#
_cell.length_a   125.366
_cell.length_b   125.366
_cell.length_c   58.203
_cell.angle_alpha   90.000
_cell.angle_beta   90.000
_cell.angle_gamma   120.000
#
_symmetry.space_group_name_H-M   'P 32 2 1'
#
loop_
_entity.id
_entity.type
_entity.pdbx_description
1 polymer 'Eukaryotic translation initiation factor 2-alpha kinase 3,Eukaryotic translation initiation factor 2-alpha kinase 3'
2 non-polymer 1-[5-(4-amino-2,7-dimethyl-7H-pyrrolo[2,3-d]pyrimidin-5-yl)-2,3-dihydro-1H-indol-1-yl]-2-[3-fluoro-5-(trifluoromethyl)phenyl]ethanone
3 water water
#
_entity_poly.entity_id   1
_entity_poly.type   'polypeptide(L)'
_entity_poly.pdbx_seq_one_letter_code
;GSSSWNDIKNSGYISRYLTDFEPIQCLGRGGFGVVFEAKNKVDDCNYAIKRIRLPNRELAREKVMREVKALAKLEHPGIV
RYFNAWLEAPPEKWQEKLQPSSPKVYLYIQMQLCRKENLKDWMNGRCTIEERERSVCLHIFLQIAEAVEFLHSKGLMHRN
LKPSNIFFTMDDVVKVGDFGLVTAMDQDEEEQTVLTPMPAYARHTGQVGTKLYMSPEQIHGNSYSHKVDIFSLGLILFEL
LYPFSTQMERVRTLTDVRNLKFPPLFTQKYPCEYVMVQDMLSPSPMERPEAINIIENAVFEDLDFPGKTVLRQRSRS
;
_entity_poly.pdbx_strand_id   A
#
# COMPACT_ATOMS: atom_id res chain seq x y z
N TYR A 13 35.78 -9.45 -7.05
CA TYR A 13 34.49 -9.69 -6.33
C TYR A 13 33.33 -9.90 -7.30
N ILE A 14 32.58 -10.97 -7.07
CA ILE A 14 31.43 -11.32 -7.90
C ILE A 14 30.11 -11.01 -7.17
N SER A 15 29.31 -10.13 -7.78
CA SER A 15 28.03 -9.71 -7.22
C SER A 15 26.88 -10.59 -7.70
N ARG A 16 26.15 -11.18 -6.74
CA ARG A 16 25.01 -12.03 -7.06
C ARG A 16 24.02 -11.36 -8.03
N TYR A 17 23.64 -10.11 -7.72
CA TYR A 17 22.68 -9.36 -8.50
C TYR A 17 23.11 -9.16 -9.95
N LEU A 18 24.33 -8.66 -10.15
CA LEU A 18 24.85 -8.39 -11.48
C LEU A 18 25.03 -9.65 -12.31
N THR A 19 25.30 -10.77 -11.61
CA THR A 19 25.49 -12.06 -12.25
C THR A 19 24.16 -12.60 -12.77
N ASP A 20 23.15 -12.59 -11.92
CA ASP A 20 21.89 -13.30 -12.19
C ASP A 20 20.81 -12.46 -12.89
N PHE A 21 20.94 -11.14 -12.86
CA PHE A 21 19.91 -10.27 -13.41
C PHE A 21 20.42 -9.29 -14.47
N GLU A 22 19.56 -9.00 -15.45
CA GLU A 22 19.77 -7.87 -16.36
C GLU A 22 18.88 -6.71 -15.91
N PRO A 23 19.48 -5.62 -15.37
CA PRO A 23 18.67 -4.48 -14.94
C PRO A 23 17.97 -3.80 -16.12
N ILE A 24 16.71 -3.42 -15.91
CA ILE A 24 15.88 -2.77 -16.93
C ILE A 24 15.75 -1.28 -16.65
N GLN A 25 15.27 -0.93 -15.46
CA GLN A 25 15.02 0.45 -15.05
C GLN A 25 14.80 0.59 -13.55
N CYS A 26 14.66 1.84 -13.11
CA CYS A 26 14.35 2.14 -11.72
C CYS A 26 12.85 2.30 -11.54
N LEU A 27 12.34 1.80 -10.41
CA LEU A 27 10.91 1.86 -10.11
C LEU A 27 10.57 2.73 -8.89
N GLY A 28 11.48 2.80 -7.92
CA GLY A 28 11.25 3.54 -6.69
C GLY A 28 12.49 4.23 -6.14
N ARG A 29 12.28 5.42 -5.57
CA ARG A 29 13.37 6.24 -5.05
C ARG A 29 13.43 6.21 -3.51
N GLY A 30 14.61 6.50 -2.96
CA GLY A 30 14.83 6.54 -1.52
C GLY A 30 16.19 7.08 -1.13
N GLY A 33 17.01 2.34 0.46
CA GLY A 33 15.69 1.94 -0.02
C GLY A 33 15.39 2.33 -1.46
N VAL A 34 15.88 1.50 -2.39
CA VAL A 34 15.73 1.74 -3.83
C VAL A 34 15.15 0.50 -4.54
N VAL A 35 14.21 0.71 -5.46
CA VAL A 35 13.56 -0.41 -6.17
C VAL A 35 13.84 -0.41 -7.68
N PHE A 36 14.47 -1.49 -8.15
CA PHE A 36 14.78 -1.68 -9.57
C PHE A 36 13.88 -2.73 -10.21
N GLU A 37 13.67 -2.57 -11.51
CA GLU A 37 13.14 -3.68 -12.31
C GLU A 37 14.28 -4.41 -13.02
N ALA A 38 14.32 -5.74 -12.86
CA ALA A 38 15.38 -6.56 -13.44
C ALA A 38 14.86 -7.90 -13.93
N LYS A 39 15.46 -8.40 -15.00
CA LYS A 39 15.13 -9.70 -15.56
C LYS A 39 16.05 -10.78 -15.00
N ASN A 40 15.48 -11.87 -14.52
CA ASN A 40 16.30 -13.01 -14.11
C ASN A 40 16.78 -13.75 -15.36
N LYS A 41 18.10 -14.02 -15.42
CA LYS A 41 18.69 -14.63 -16.62
C LYS A 41 18.26 -16.08 -16.81
N VAL A 42 18.27 -16.84 -15.71
CA VAL A 42 17.89 -18.26 -15.73
C VAL A 42 16.41 -18.44 -16.10
N ASP A 43 15.51 -17.73 -15.42
CA ASP A 43 14.07 -17.97 -15.60
C ASP A 43 13.33 -16.99 -16.54
N ASP A 44 14.04 -15.94 -16.95
CA ASP A 44 13.55 -14.99 -17.96
C ASP A 44 12.35 -14.11 -17.54
N CYS A 45 12.04 -14.09 -16.24
CA CYS A 45 10.98 -13.22 -15.72
C CYS A 45 11.53 -11.89 -15.19
N ASN A 46 10.70 -10.87 -15.25
CA ASN A 46 11.01 -9.56 -14.67
C ASN A 46 10.51 -9.48 -13.25
N TYR A 47 11.31 -8.90 -12.37
CA TYR A 47 10.96 -8.79 -10.97
C TYR A 47 11.18 -7.38 -10.49
N ALA A 48 10.50 -7.03 -9.41
CA ALA A 48 10.83 -5.82 -8.69
C ALA A 48 11.84 -6.21 -7.63
N ILE A 49 12.99 -5.55 -7.63
CA ILE A 49 14.05 -5.83 -6.67
C ILE A 49 14.38 -4.58 -5.85
N LYS A 50 14.14 -4.69 -4.56
CA LYS A 50 14.47 -3.63 -3.62
C LYS A 50 15.86 -3.86 -3.05
N ARG A 51 16.70 -2.82 -3.10
CA ARG A 51 18.02 -2.83 -2.51
C ARG A 51 18.07 -1.87 -1.32
N ILE A 52 18.33 -2.43 -0.15
CA ILE A 52 18.46 -1.65 1.08
C ILE A 52 19.93 -1.62 1.48
N ARG A 53 20.44 -0.43 1.79
CA ARG A 53 21.72 -0.34 2.46
C ARG A 53 21.48 -0.66 3.94
N LEU A 54 22.05 -1.75 4.40
CA LEU A 54 21.90 -2.14 5.80
C LEU A 54 22.55 -1.13 6.72
N PRO A 55 21.95 -0.90 7.90
CA PRO A 55 22.58 -0.08 8.94
C PRO A 55 23.95 -0.66 9.32
N ASN A 56 24.85 0.19 9.80
CA ASN A 56 26.22 -0.26 10.12
C ASN A 56 26.37 -0.88 11.53
N ARG A 57 25.48 -0.54 12.45
CA ARG A 57 25.47 -1.11 13.79
C ARG A 57 24.76 -2.48 13.81
N GLU A 58 25.27 -3.40 14.64
CA GLU A 58 24.82 -4.80 14.64
C GLU A 58 23.38 -5.05 15.08
N LEU A 59 22.96 -4.39 16.16
CA LEU A 59 21.58 -4.57 16.66
C LEU A 59 20.53 -3.94 15.75
N ALA A 60 20.93 -2.91 15.01
CA ALA A 60 20.06 -2.30 13.99
C ALA A 60 19.84 -3.25 12.81
N ARG A 61 20.91 -3.94 12.39
CA ARG A 61 20.85 -4.95 11.35
C ARG A 61 19.98 -6.14 11.78
N GLU A 62 20.25 -6.64 12.97
CA GLU A 62 19.58 -7.80 13.53
C GLU A 62 18.06 -7.60 13.58
N LYS A 63 17.65 -6.37 13.86
CA LYS A 63 16.23 -6.01 13.85
C LYS A 63 15.65 -6.12 12.44
N VAL A 64 16.39 -5.62 11.45
CA VAL A 64 15.97 -5.66 10.05
C VAL A 64 15.91 -7.09 9.54
N MET A 65 16.88 -7.91 9.92
CA MET A 65 16.91 -9.32 9.53
C MET A 65 15.77 -10.13 10.15
N ARG A 66 15.41 -9.80 11.39
CA ARG A 66 14.23 -10.40 12.05
C ARG A 66 12.94 -10.06 11.30
N GLU A 67 12.90 -8.87 10.69
CA GLU A 67 11.77 -8.49 9.85
C GLU A 67 11.63 -9.38 8.62
N VAL A 68 12.70 -9.50 7.83
CA VAL A 68 12.59 -10.29 6.59
C VAL A 68 12.15 -11.72 6.87
N LYS A 69 12.55 -12.24 8.04
CA LYS A 69 12.14 -13.57 8.48
C LYS A 69 10.65 -13.67 8.75
N ALA A 70 10.09 -12.66 9.41
CA ALA A 70 8.65 -12.62 9.66
C ALA A 70 7.88 -12.39 8.35
N LEU A 71 8.40 -11.52 7.50
CA LEU A 71 7.71 -11.14 6.26
C LEU A 71 7.79 -12.23 5.21
N ALA A 72 8.83 -13.05 5.28
CA ALA A 72 9.02 -14.18 4.33
C ALA A 72 7.88 -15.20 4.41
N LYS A 73 7.29 -15.34 5.59
CA LYS A 73 6.20 -16.29 5.84
C LYS A 73 4.85 -15.84 5.25
N LEU A 74 4.82 -14.66 4.66
CA LEU A 74 3.54 -14.08 4.25
C LEU A 74 3.08 -14.50 2.87
N GLU A 75 1.88 -15.09 2.86
CA GLU A 75 1.18 -15.44 1.64
C GLU A 75 -0.28 -14.99 1.73
N HIS A 76 -0.72 -14.20 0.76
CA HIS A 76 -2.08 -13.64 0.72
C HIS A 76 -2.36 -13.00 -0.63
N PRO A 77 -3.61 -13.09 -1.11
CA PRO A 77 -3.95 -12.50 -2.42
C PRO A 77 -3.72 -10.99 -2.51
N GLY A 78 -3.69 -10.30 -1.37
CA GLY A 78 -3.47 -8.85 -1.32
C GLY A 78 -2.05 -8.38 -1.02
N ILE A 79 -1.15 -9.33 -0.76
CA ILE A 79 0.25 -9.06 -0.46
C ILE A 79 1.05 -9.45 -1.70
N VAL A 80 1.94 -8.57 -2.17
CA VAL A 80 2.71 -8.91 -3.36
C VAL A 80 3.61 -10.11 -3.11
N ARG A 81 3.69 -11.00 -4.11
CA ARG A 81 4.38 -12.29 -4.03
C ARG A 81 5.91 -12.14 -3.85
N TYR A 82 6.42 -12.82 -2.82
CA TYR A 82 7.86 -12.78 -2.46
C TYR A 82 8.63 -13.90 -3.16
N PHE A 83 9.89 -13.64 -3.49
CA PHE A 83 10.71 -14.67 -4.16
C PHE A 83 11.99 -15.01 -3.43
N ASN A 84 12.89 -14.02 -3.29
CA ASN A 84 14.19 -14.26 -2.68
CA ASN A 84 14.20 -14.26 -2.69
C ASN A 84 14.73 -13.04 -1.95
N ALA A 85 15.58 -13.31 -0.96
CA ALA A 85 16.25 -12.30 -0.18
C ALA A 85 17.70 -12.72 0.05
N TRP A 86 18.64 -11.82 -0.19
CA TRP A 86 20.05 -12.12 0.00
C TRP A 86 20.88 -10.92 0.32
N LEU A 87 22.10 -11.18 0.79
CA LEU A 87 23.03 -10.12 1.20
C LEU A 87 24.20 -10.02 0.24
N GLU A 88 24.71 -8.81 0.06
CA GLU A 88 25.94 -8.58 -0.70
C GLU A 88 26.80 -7.61 0.09
N ALA A 89 28.11 -7.78 -0.01
CA ALA A 89 29.05 -6.82 0.58
C ALA A 89 30.19 -6.53 -0.41
N PRO A 90 30.01 -5.49 -1.25
CA PRO A 90 31.03 -5.14 -2.23
C PRO A 90 32.11 -4.23 -1.61
N PRO A 91 33.20 -3.96 -2.37
CA PRO A 91 34.18 -2.98 -1.92
C PRO A 91 33.82 -1.56 -2.35
N LYS A 104 28.44 -0.34 2.56
CA LYS A 104 29.17 -1.53 2.98
C LYS A 104 28.40 -2.84 2.71
N VAL A 105 27.21 -2.99 3.30
CA VAL A 105 26.40 -4.21 3.13
C VAL A 105 24.98 -3.93 2.61
N TYR A 106 24.61 -4.59 1.53
CA TYR A 106 23.29 -4.40 0.92
C TYR A 106 22.40 -5.62 1.05
N LEU A 107 21.14 -5.38 1.43
CA LEU A 107 20.11 -6.41 1.42
C LEU A 107 19.26 -6.27 0.17
N TYR A 108 19.12 -7.35 -0.59
CA TYR A 108 18.34 -7.35 -1.83
C TYR A 108 17.07 -8.16 -1.64
N ILE A 109 15.95 -7.64 -2.14
CA ILE A 109 14.67 -8.35 -2.03
C ILE A 109 13.97 -8.46 -3.39
N GLN A 110 13.70 -9.70 -3.78
CA GLN A 110 13.08 -10.01 -5.05
C GLN A 110 11.58 -10.26 -4.84
N MET A 111 10.77 -9.40 -5.47
CA MET A 111 9.31 -9.47 -5.40
C MET A 111 8.74 -9.55 -6.80
N GLN A 112 7.51 -10.07 -6.92
CA GLN A 112 6.85 -10.05 -8.20
C GLN A 112 6.67 -8.61 -8.70
N LEU A 113 6.84 -8.43 -10.01
CA LEU A 113 6.66 -7.14 -10.66
C LEU A 113 5.19 -6.90 -10.96
N CYS A 114 4.64 -5.82 -10.41
CA CYS A 114 3.26 -5.45 -10.68
C CYS A 114 3.15 -4.58 -11.93
N ARG A 115 1.94 -4.09 -12.20
CA ARG A 115 1.69 -3.26 -13.38
C ARG A 115 2.39 -1.90 -13.24
N LYS A 116 2.72 -1.30 -14.38
CA LYS A 116 3.29 0.04 -14.40
C LYS A 116 2.36 1.06 -13.72
N GLU A 117 1.07 1.03 -14.08
CA GLU A 117 0.07 1.93 -13.52
C GLU A 117 -0.41 1.44 -12.16
N ASN A 118 -0.25 2.30 -11.13
CA ASN A 118 -0.70 1.98 -9.77
C ASN A 118 -2.08 2.61 -9.48
N LEU A 119 -2.55 2.51 -8.23
CA LEU A 119 -3.89 3.03 -7.87
C LEU A 119 -4.05 4.53 -8.10
N LYS A 120 -2.97 5.30 -7.90
CA LYS A 120 -2.95 6.71 -8.17
C LYS A 120 -3.11 6.98 -9.69
N ASP A 121 -2.36 6.24 -10.52
CA ASP A 121 -2.49 6.33 -11.98
C ASP A 121 -3.93 6.04 -12.39
N TRP A 122 -4.51 5.03 -11.76
CA TRP A 122 -5.87 4.57 -12.03
C TRP A 122 -6.88 5.65 -11.74
N MET A 123 -6.77 6.28 -10.58
CA MET A 123 -7.68 7.37 -10.22
C MET A 123 -7.54 8.57 -11.16
N ASN A 124 -6.32 8.85 -11.59
CA ASN A 124 -6.05 10.00 -12.46
C ASN A 124 -6.63 9.90 -13.86
N GLY A 125 -6.78 8.68 -14.36
CA GLY A 125 -7.40 8.44 -15.66
C GLY A 125 -8.91 8.32 -15.60
N ARG A 126 -9.46 8.40 -14.38
CA ARG A 126 -10.91 8.30 -14.16
C ARG A 126 -11.42 9.44 -13.29
N CYS A 127 -11.77 10.56 -13.92
CA CYS A 127 -12.06 11.81 -13.23
C CYS A 127 -13.53 12.21 -13.15
N THR A 128 -14.42 11.34 -13.61
CA THR A 128 -15.86 11.58 -13.50
C THR A 128 -16.49 10.52 -12.61
N ILE A 129 -17.64 10.84 -12.01
CA ILE A 129 -18.35 9.91 -11.15
C ILE A 129 -18.89 8.69 -11.92
N GLU A 130 -19.19 8.87 -13.21
CA GLU A 130 -19.59 7.78 -14.09
C GLU A 130 -18.46 6.76 -14.29
N GLU A 131 -17.22 7.24 -14.23
CA GLU A 131 -16.04 6.39 -14.35
C GLU A 131 -15.68 5.75 -13.01
N ARG A 132 -16.27 6.25 -11.92
CA ARG A 132 -16.03 5.70 -10.59
C ARG A 132 -17.24 4.88 -10.13
N GLU A 133 -17.45 3.75 -10.80
CA GLU A 133 -18.57 2.86 -10.51
C GLU A 133 -18.48 2.30 -9.10
N ARG A 134 -19.60 2.35 -8.37
CA ARG A 134 -19.65 1.99 -6.96
C ARG A 134 -19.24 0.55 -6.67
N SER A 135 -19.53 -0.36 -7.60
CA SER A 135 -19.11 -1.75 -7.47
C SER A 135 -17.60 -1.88 -7.55
N VAL A 136 -17.04 -1.35 -8.64
CA VAL A 136 -15.60 -1.43 -8.90
C VAL A 136 -14.80 -0.87 -7.74
N CYS A 137 -15.22 0.27 -7.21
CA CYS A 137 -14.52 0.97 -6.12
C CYS A 137 -14.57 0.23 -4.78
N LEU A 138 -15.76 -0.29 -4.44
CA LEU A 138 -15.90 -1.10 -3.23
C LEU A 138 -15.12 -2.42 -3.35
N HIS A 139 -15.03 -2.95 -4.58
CA HIS A 139 -14.25 -4.15 -4.85
C HIS A 139 -12.79 -3.87 -4.63
N ILE A 140 -12.30 -2.75 -5.16
CA ILE A 140 -10.91 -2.35 -4.95
C ILE A 140 -10.63 -2.11 -3.46
N PHE A 141 -11.52 -1.36 -2.80
CA PHE A 141 -11.31 -1.07 -1.39
C PHE A 141 -11.28 -2.34 -0.54
N LEU A 142 -12.26 -3.23 -0.77
CA LEU A 142 -12.34 -4.48 0.00
C LEU A 142 -11.04 -5.28 -0.04
N GLN A 143 -10.43 -5.34 -1.22
CA GLN A 143 -9.15 -6.04 -1.36
C GLN A 143 -8.09 -5.43 -0.43
N ILE A 144 -8.00 -4.10 -0.41
CA ILE A 144 -7.03 -3.40 0.42
C ILE A 144 -7.30 -3.69 1.92
N ALA A 145 -8.57 -3.58 2.31
CA ALA A 145 -8.97 -3.81 3.68
C ALA A 145 -8.67 -5.24 4.11
N GLU A 146 -8.97 -6.18 3.22
CA GLU A 146 -8.71 -7.60 3.50
C GLU A 146 -7.22 -7.87 3.67
N ALA A 147 -6.40 -7.20 2.86
CA ALA A 147 -4.95 -7.28 2.99
C ALA A 147 -4.49 -6.75 4.35
N VAL A 148 -5.11 -5.67 4.83
CA VAL A 148 -4.70 -5.03 6.07
C VAL A 148 -5.16 -5.85 7.28
N GLU A 149 -6.36 -6.41 7.18
CA GLU A 149 -6.85 -7.33 8.21
C GLU A 149 -5.89 -8.50 8.36
N PHE A 150 -5.43 -9.02 7.23
CA PHE A 150 -4.49 -10.13 7.20
C PHE A 150 -3.27 -9.81 8.06
N LEU A 151 -2.63 -8.68 7.74
CA LEU A 151 -1.42 -8.25 8.45
C LEU A 151 -1.65 -8.08 9.96
N HIS A 152 -2.71 -7.36 10.30
CA HIS A 152 -3.06 -7.06 11.69
C HIS A 152 -3.24 -8.29 12.54
N SER A 153 -3.74 -9.36 11.93
CA SER A 153 -3.99 -10.62 12.65
C SER A 153 -2.69 -11.37 12.90
N LYS A 154 -1.69 -11.07 12.07
CA LYS A 154 -0.36 -11.63 12.23
C LYS A 154 0.47 -10.78 13.19
N GLY A 155 -0.13 -9.70 13.70
CA GLY A 155 0.54 -8.78 14.61
C GLY A 155 1.43 -7.77 13.89
N LEU A 156 1.27 -7.69 12.57
CA LEU A 156 2.03 -6.76 11.77
C LEU A 156 1.15 -5.58 11.38
N MET A 157 1.77 -4.53 10.85
CA MET A 157 1.03 -3.39 10.31
C MET A 157 1.75 -2.85 9.09
N HIS A 158 1.00 -2.16 8.24
CA HIS A 158 1.54 -1.70 6.97
C HIS A 158 2.29 -0.41 7.13
N ARG A 159 1.61 0.63 7.61
CA ARG A 159 2.23 1.92 7.95
C ARG A 159 2.58 2.76 6.72
N ASN A 160 2.15 2.34 5.54
CA ASN A 160 2.62 2.98 4.32
C ASN A 160 1.59 2.96 3.20
N LEU A 161 0.31 3.04 3.59
CA LEU A 161 -0.81 2.93 2.66
C LEU A 161 -1.08 4.25 2.00
N LYS A 162 -1.17 4.21 0.66
CA LYS A 162 -1.44 5.37 -0.20
C LYS A 162 -1.54 4.96 -1.69
N PRO A 163 -2.45 5.60 -2.45
CA PRO A 163 -2.69 5.25 -3.87
C PRO A 163 -1.45 4.93 -4.72
N SER A 164 -0.37 5.70 -4.56
CA SER A 164 0.88 5.43 -5.28
C SER A 164 1.62 4.17 -4.82
N ASN A 165 1.28 3.65 -3.64
CA ASN A 165 1.85 2.41 -3.10
C ASN A 165 0.77 1.32 -2.98
N ILE A 166 -0.16 1.34 -3.94
CA ILE A 166 -1.14 0.25 -4.11
C ILE A 166 -1.16 -0.12 -5.59
N PHE A 167 -0.92 -1.41 -5.85
CA PHE A 167 -0.64 -1.91 -7.19
C PHE A 167 -1.66 -2.91 -7.67
N PHE A 168 -1.65 -3.15 -8.99
CA PHE A 168 -2.38 -4.24 -9.58
C PHE A 168 -1.40 -5.25 -10.18
N THR A 169 -1.77 -6.52 -10.14
CA THR A 169 -0.98 -7.56 -10.80
C THR A 169 -1.35 -7.64 -12.28
N MET A 170 -0.57 -8.34 -13.08
CA MET A 170 -0.88 -8.47 -14.51
C MET A 170 -2.30 -9.00 -14.71
N ASP A 171 -2.87 -9.60 -13.65
CA ASP A 171 -4.22 -10.14 -13.67
C ASP A 171 -5.22 -9.26 -12.90
N ASP A 172 -4.85 -7.99 -12.69
CA ASP A 172 -5.72 -6.98 -12.08
C ASP A 172 -6.16 -7.29 -10.64
N VAL A 173 -5.36 -8.07 -9.93
CA VAL A 173 -5.57 -8.26 -8.50
C VAL A 173 -4.87 -7.13 -7.74
N VAL A 174 -5.58 -6.56 -6.78
CA VAL A 174 -5.07 -5.45 -5.99
C VAL A 174 -4.10 -5.95 -4.90
N LYS A 175 -2.98 -5.25 -4.78
CA LYS A 175 -1.97 -5.55 -3.79
C LYS A 175 -1.64 -4.27 -3.07
N VAL A 176 -1.54 -4.34 -1.74
CA VAL A 176 -0.91 -3.28 -0.99
C VAL A 176 0.59 -3.34 -1.30
N GLY A 177 1.25 -2.19 -1.26
CA GLY A 177 2.62 -2.10 -1.73
C GLY A 177 3.66 -2.28 -0.67
N ASP A 178 4.83 -1.70 -0.95
CA ASP A 178 5.99 -1.82 -0.10
C ASP A 178 5.68 -1.41 1.34
N PHE A 179 6.18 -2.19 2.30
CA PHE A 179 6.11 -1.84 3.72
C PHE A 179 7.25 -2.56 4.46
N GLY A 180 7.52 -2.15 5.70
CA GLY A 180 8.65 -2.66 6.46
C GLY A 180 9.98 -2.13 5.95
N THR A 210 5.25 12.31 0.75
CA THR A 210 3.85 12.74 0.95
C THR A 210 3.27 12.20 2.26
N LYS A 211 2.64 13.09 3.04
CA LYS A 211 2.08 12.71 4.34
C LYS A 211 0.56 12.81 4.39
N LEU A 212 -0.05 13.01 3.23
CA LEU A 212 -1.50 13.15 3.10
C LEU A 212 -2.31 12.01 3.72
N TYR A 213 -1.80 10.79 3.65
CA TYR A 213 -2.56 9.60 4.07
C TYR A 213 -2.07 9.07 5.40
N MET A 214 -1.14 9.81 6.01
CA MET A 214 -0.55 9.43 7.27
C MET A 214 -1.48 9.92 8.38
N SER A 215 -1.72 9.10 9.39
CA SER A 215 -2.53 9.53 10.52
C SER A 215 -1.78 10.59 11.32
N PRO A 216 -2.50 11.46 12.05
CA PRO A 216 -1.85 12.54 12.79
C PRO A 216 -0.81 12.03 13.80
N GLU A 217 -1.13 10.96 14.52
CA GLU A 217 -0.24 10.41 15.54
C GLU A 217 0.98 9.71 14.95
N GLN A 218 0.88 9.35 13.66
CA GLN A 218 2.04 8.91 12.87
C GLN A 218 2.98 10.07 12.62
N ILE A 219 2.42 11.19 12.17
CA ILE A 219 3.20 12.40 11.90
C ILE A 219 3.79 12.99 13.19
N HIS A 220 2.97 13.05 14.24
CA HIS A 220 3.40 13.57 15.55
C HIS A 220 3.39 12.51 16.60
N TYR A 224 2.25 4.72 18.87
CA TYR A 224 1.13 4.65 17.92
C TYR A 224 0.95 3.24 17.34
N SER A 225 -0.30 2.81 17.22
CA SER A 225 -0.63 1.42 16.91
C SER A 225 -1.03 1.17 15.46
N HIS A 226 -1.54 -0.04 15.20
CA HIS A 226 -2.03 -0.45 13.88
C HIS A 226 -3.19 0.39 13.39
N LYS A 227 -3.83 1.11 14.33
CA LYS A 227 -4.93 2.01 14.00
C LYS A 227 -4.55 3.06 12.97
N VAL A 228 -3.24 3.23 12.74
CA VAL A 228 -2.75 4.15 11.73
C VAL A 228 -3.20 3.71 10.32
N ASP A 229 -3.19 2.40 10.09
CA ASP A 229 -3.63 1.83 8.82
C ASP A 229 -5.13 2.10 8.59
N ILE A 230 -5.89 2.08 9.68
CA ILE A 230 -7.34 2.32 9.62
C ILE A 230 -7.62 3.72 9.12
N PHE A 231 -6.84 4.68 9.60
CA PHE A 231 -6.95 6.08 9.16
C PHE A 231 -6.71 6.19 7.65
N SER A 232 -5.59 5.62 7.20
CA SER A 232 -5.21 5.60 5.79
C SER A 232 -6.33 5.05 4.90
N LEU A 233 -6.98 4.00 5.39
CA LEU A 233 -8.08 3.37 4.67
C LEU A 233 -9.22 4.37 4.47
N GLY A 234 -9.56 5.05 5.56
CA GLY A 234 -10.57 6.11 5.53
C GLY A 234 -10.44 7.03 4.34
N LEU A 235 -9.23 7.56 4.12
CA LEU A 235 -8.99 8.52 3.06
C LEU A 235 -9.05 7.90 1.67
N ILE A 236 -8.56 6.67 1.57
CA ILE A 236 -8.54 5.93 0.32
C ILE A 236 -9.97 5.63 -0.11
N LEU A 237 -10.79 5.18 0.85
CA LEU A 237 -12.20 4.95 0.55
C LEU A 237 -12.85 6.23 0.04
N PHE A 238 -12.60 7.35 0.71
CA PHE A 238 -13.17 8.63 0.25
C PHE A 238 -12.68 8.96 -1.15
N GLU A 239 -11.36 8.83 -1.34
CA GLU A 239 -10.75 9.27 -2.59
C GLU A 239 -11.24 8.43 -3.78
N LEU A 240 -11.51 7.15 -3.51
CA LEU A 240 -12.02 6.22 -4.51
C LEU A 240 -13.42 6.60 -5.01
N LEU A 241 -14.25 7.09 -4.10
CA LEU A 241 -15.62 7.41 -4.45
C LEU A 241 -15.80 8.84 -4.94
N TYR A 242 -14.79 9.68 -4.70
CA TYR A 242 -14.88 11.11 -5.01
C TYR A 242 -13.77 11.55 -5.96
N PRO A 243 -14.04 11.52 -7.27
CA PRO A 243 -13.05 11.92 -8.28
C PRO A 243 -12.64 13.39 -8.18
N PHE A 244 -11.39 13.69 -8.55
CA PHE A 244 -10.89 15.07 -8.55
C PHE A 244 -10.60 15.60 -9.96
N SER A 245 -10.60 16.92 -10.11
CA SER A 245 -10.33 17.57 -11.39
C SER A 245 -8.90 18.08 -11.50
N THR A 246 -8.38 18.59 -10.38
CA THR A 246 -7.02 19.13 -10.32
C THR A 246 -6.32 18.65 -9.05
N GLN A 247 -5.00 18.76 -9.02
CA GLN A 247 -4.21 18.47 -7.83
C GLN A 247 -4.58 19.44 -6.70
N MET A 248 -4.73 20.71 -7.07
CA MET A 248 -5.12 21.78 -6.17
C MET A 248 -6.36 21.39 -5.37
N GLU A 249 -7.41 21.04 -6.10
CA GLU A 249 -8.67 20.59 -5.53
C GLU A 249 -8.43 19.41 -4.60
N ARG A 250 -7.71 18.41 -5.12
CA ARG A 250 -7.44 17.18 -4.41
C ARG A 250 -6.79 17.42 -3.04
N VAL A 251 -5.74 18.23 -3.01
CA VAL A 251 -5.03 18.50 -1.77
C VAL A 251 -5.93 19.25 -0.79
N ARG A 252 -6.63 20.25 -1.28
CA ARG A 252 -7.56 21.03 -0.46
C ARG A 252 -8.63 20.13 0.15
N THR A 253 -9.27 19.32 -0.69
CA THR A 253 -10.39 18.51 -0.24
C THR A 253 -9.95 17.44 0.76
N LEU A 254 -8.84 16.77 0.43
CA LEU A 254 -8.30 15.71 1.28
C LEU A 254 -7.82 16.25 2.62
N THR A 255 -7.18 17.41 2.61
CA THR A 255 -6.79 18.11 3.83
C THR A 255 -8.02 18.42 4.68
N ASP A 256 -9.12 18.81 4.05
CA ASP A 256 -10.37 19.07 4.75
C ASP A 256 -11.02 17.79 5.30
N VAL A 257 -10.93 16.70 4.53
CA VAL A 257 -11.52 15.43 4.93
C VAL A 257 -10.83 14.86 6.17
N ARG A 258 -9.50 14.94 6.19
CA ARG A 258 -8.71 14.61 7.38
C ARG A 258 -9.27 15.30 8.63
N ASN A 259 -9.81 16.51 8.44
CA ASN A 259 -10.41 17.29 9.52
C ASN A 259 -11.92 17.14 9.62
N LEU A 260 -12.46 16.12 8.96
CA LEU A 260 -13.89 15.78 8.99
C LEU A 260 -14.81 16.85 8.36
N LYS A 261 -14.26 17.62 7.42
CA LYS A 261 -15.04 18.58 6.66
C LYS A 261 -15.33 17.95 5.29
N PHE A 262 -16.49 17.31 5.16
CA PHE A 262 -16.84 16.55 3.95
C PHE A 262 -17.58 17.40 2.93
N PRO A 263 -17.35 17.13 1.63
CA PRO A 263 -18.16 17.76 0.58
C PRO A 263 -19.62 17.29 0.66
N PRO A 264 -20.57 18.24 0.65
CA PRO A 264 -22.01 17.93 0.76
C PRO A 264 -22.49 16.86 -0.23
N LEU A 265 -22.06 16.96 -1.50
CA LEU A 265 -22.48 16.03 -2.56
C LEU A 265 -22.09 14.58 -2.27
N PHE A 266 -20.99 14.40 -1.53
CA PHE A 266 -20.56 13.08 -1.12
C PHE A 266 -21.52 12.47 -0.10
N THR A 267 -21.75 13.19 1.01
CA THR A 267 -22.63 12.72 2.08
C THR A 267 -24.04 12.45 1.57
N GLN A 268 -24.45 13.22 0.55
CA GLN A 268 -25.73 13.02 -0.11
C GLN A 268 -25.77 11.73 -0.92
N LYS A 269 -24.66 11.42 -1.61
CA LYS A 269 -24.65 10.29 -2.53
C LYS A 269 -24.30 8.96 -1.85
N TYR A 270 -23.38 8.98 -0.89
CA TYR A 270 -22.96 7.76 -0.21
C TYR A 270 -23.09 7.87 1.31
N PRO A 271 -24.33 7.88 1.84
CA PRO A 271 -24.51 8.03 3.28
C PRO A 271 -23.94 6.88 4.12
N CYS A 272 -24.00 5.66 3.60
CA CYS A 272 -23.44 4.48 4.29
C CYS A 272 -21.93 4.57 4.44
N GLU A 273 -21.26 4.86 3.32
CA GLU A 273 -19.82 4.99 3.23
C GLU A 273 -19.32 6.19 4.04
N TYR A 274 -20.15 7.22 4.11
CA TYR A 274 -19.85 8.44 4.86
C TYR A 274 -19.68 8.19 6.36
N VAL A 275 -20.57 7.40 6.94
CA VAL A 275 -20.47 7.04 8.36
C VAL A 275 -19.23 6.19 8.59
N MET A 276 -18.94 5.31 7.65
CA MET A 276 -17.75 4.45 7.71
C MET A 276 -16.47 5.26 7.74
N VAL A 277 -16.35 6.19 6.79
CA VAL A 277 -15.18 7.06 6.70
C VAL A 277 -15.02 7.90 7.98
N GLN A 278 -16.13 8.32 8.56
CA GLN A 278 -16.10 9.05 9.83
C GLN A 278 -15.51 8.19 10.96
N ASP A 279 -15.95 6.93 11.04
CA ASP A 279 -15.44 6.00 12.03
C ASP A 279 -13.94 5.77 11.83
N MET A 280 -13.54 5.63 10.56
CA MET A 280 -12.15 5.35 10.19
C MET A 280 -11.23 6.55 10.41
N LEU A 281 -11.80 7.75 10.36
CA LEU A 281 -11.03 8.97 10.47
C LEU A 281 -11.18 9.63 11.84
N SER A 282 -11.67 8.87 12.82
CA SER A 282 -11.80 9.34 14.19
C SER A 282 -10.50 9.97 14.67
N PRO A 283 -10.60 11.15 15.29
CA PRO A 283 -9.43 11.83 15.85
C PRO A 283 -8.80 11.02 16.97
N SER A 284 -9.63 10.34 17.76
CA SER A 284 -9.13 9.39 18.74
C SER A 284 -8.95 8.03 18.08
N PRO A 285 -7.70 7.51 18.03
CA PRO A 285 -7.42 6.22 17.41
C PRO A 285 -8.19 5.08 18.08
N MET A 286 -8.30 5.13 19.40
CA MET A 286 -9.10 4.17 20.17
C MET A 286 -10.47 3.94 19.53
N GLU A 287 -11.11 5.03 19.11
CA GLU A 287 -12.47 5.01 18.59
C GLU A 287 -12.60 4.45 17.16
N ARG A 288 -11.49 4.34 16.44
CA ARG A 288 -11.49 3.75 15.10
C ARG A 288 -11.80 2.26 15.13
N PRO A 289 -12.46 1.75 14.08
CA PRO A 289 -12.76 0.31 14.04
C PRO A 289 -11.53 -0.53 13.74
N GLU A 290 -11.62 -1.83 13.97
CA GLU A 290 -10.60 -2.77 13.49
C GLU A 290 -10.89 -3.10 12.04
N ALA A 291 -9.90 -3.63 11.32
CA ALA A 291 -10.06 -3.93 9.89
C ALA A 291 -11.13 -4.98 9.63
N ILE A 292 -11.24 -5.95 10.54
CA ILE A 292 -12.26 -6.98 10.49
C ILE A 292 -13.67 -6.39 10.50
N ASN A 293 -13.89 -5.38 11.35
CA ASN A 293 -15.16 -4.66 11.43
C ASN A 293 -15.52 -3.94 10.14
N ILE A 294 -14.49 -3.44 9.45
CA ILE A 294 -14.68 -2.78 8.17
C ILE A 294 -15.16 -3.79 7.12
N ILE A 295 -14.54 -4.96 7.11
CA ILE A 295 -14.88 -6.02 6.16
C ILE A 295 -16.28 -6.57 6.42
N GLU A 296 -16.57 -6.81 7.70
CA GLU A 296 -17.85 -7.37 8.12
C GLU A 296 -18.98 -6.34 8.07
N ASN A 297 -18.80 -5.31 7.25
CA ASN A 297 -19.79 -4.24 7.11
C ASN A 297 -20.85 -4.58 6.08
N ALA A 298 -22.05 -4.03 6.29
CA ALA A 298 -23.22 -4.32 5.46
C ALA A 298 -23.04 -4.03 3.96
N VAL A 299 -22.25 -3.00 3.65
CA VAL A 299 -22.04 -2.56 2.26
C VAL A 299 -21.36 -3.60 1.39
N PHE A 300 -20.67 -4.55 2.03
CA PHE A 300 -19.94 -5.59 1.31
C PHE A 300 -20.75 -6.88 1.21
N GLU A 301 -21.95 -6.75 0.66
CA GLU A 301 -22.83 -7.88 0.41
C GLU A 301 -23.48 -7.72 -0.96
N ASP A 302 -23.73 -8.84 -1.62
CA ASP A 302 -24.32 -8.89 -2.98
C ASP A 302 -23.46 -8.18 -4.04
N LEU A 303 -22.15 -8.12 -3.80
CA LEU A 303 -21.22 -7.55 -4.76
C LEU A 303 -20.92 -8.55 -5.87
N ASP A 304 -21.24 -8.17 -7.11
CA ASP A 304 -21.19 -9.07 -8.26
C ASP A 304 -19.76 -9.51 -8.62
#